data_7K0D
#
_entry.id   7K0D
#
_cell.length_a   49.290
_cell.length_b   72.380
_cell.length_c   77.110
_cell.angle_alpha   90.000
_cell.angle_beta   90.000
_cell.angle_gamma   90.000
#
_symmetry.space_group_name_H-M   'P 21 21 21'
#
loop_
_entity.id
_entity.type
_entity.pdbx_description
1 polymer 'Transcription initiation factor TFIID subunit 1'
2 non-polymer "N-(4-{4-[1-(cyclopropylsulfonyl)cyclopropyl]-6-[(3S)-3-methylmorpholin-4-yl]pyrimidin-2-yl}phenyl)-N'-(2-hydroxyethyl)thiourea"
3 water water
#
_entity_poly.entity_id   1
_entity_poly.type   'polypeptide(L)'
_entity_poly.pdbx_seq_one_letter_code
;SMSIHRRRTDPMVTLSSILESIINDMRDLPNTYPFHTPVNAKVVKDYYKIITRPMDLQTLRENVRKRLYPSREEFREHLE
LIVKNSATYNGPKHSLTQISQSMLDLCDEKLKEKEDKLARLEKAINPLLDDDDQVAFSFILDNIVTQKMMAVPDSWPFHH
PVNKKFVPDYYKVIVNPMDLETIRKNISKHKYQSRESFLDDVNLILANSVKYNGPESQYTKTAQEIVNVCYQTLTEYDEH
LTQLEKDICTAKEAALEEAELESLD
;
_entity_poly.pdbx_strand_id   A
#
# COMPACT_ATOMS: atom_id res chain seq x y z
N THR A 9 9.12 18.41 -3.54
CA THR A 9 9.38 17.02 -3.19
C THR A 9 8.13 16.16 -3.23
N ASP A 10 8.34 14.84 -3.16
CA ASP A 10 7.25 13.92 -2.92
C ASP A 10 6.74 14.12 -1.49
N PRO A 11 5.49 14.57 -1.31
CA PRO A 11 4.96 14.59 0.05
C PRO A 11 4.90 13.20 0.68
N MET A 12 4.70 12.16 -0.13
CA MET A 12 4.67 10.80 0.39
C MET A 12 6.02 10.40 0.97
N VAL A 13 7.12 10.86 0.36
CA VAL A 13 8.43 10.61 0.95
C VAL A 13 8.55 11.36 2.27
N THR A 14 8.06 12.61 2.31
CA THR A 14 8.07 13.39 3.55
C THR A 14 7.15 12.78 4.61
N LEU A 15 5.95 12.33 4.22
CA LEU A 15 5.06 11.76 5.20
C LEU A 15 5.66 10.49 5.81
N SER A 16 6.28 9.66 4.96
CA SER A 16 6.88 8.41 5.41
C SER A 16 8.00 8.65 6.43
N SER A 17 8.80 9.69 6.23
CA SER A 17 9.90 9.97 7.17
C SER A 17 9.37 10.39 8.53
N ILE A 18 8.24 11.09 8.55
CA ILE A 18 7.61 11.46 9.81
C ILE A 18 7.05 10.21 10.50
N LEU A 19 6.44 9.30 9.75
CA LEU A 19 5.95 8.07 10.35
C LEU A 19 7.11 7.23 10.88
N GLU A 20 8.20 7.15 10.11
CA GLU A 20 9.35 6.34 10.52
C GLU A 20 9.93 6.85 11.84
N SER A 21 10.00 8.17 12.01
CA SER A 21 10.53 8.72 13.25
C SER A 21 9.61 8.46 14.43
N ILE A 22 8.30 8.42 14.17
CA ILE A 22 7.36 8.01 15.22
C ILE A 22 7.57 6.54 15.59
N ILE A 23 7.88 5.70 14.60
CA ILE A 23 8.16 4.29 14.90
C ILE A 23 9.40 4.18 15.77
N ASN A 24 10.44 4.98 15.46
CA ASN A 24 11.64 4.97 16.29
C ASN A 24 11.32 5.37 17.71
N ASP A 25 10.50 6.40 17.89
CA ASP A 25 10.14 6.84 19.23
C ASP A 25 9.34 5.77 19.97
N MET A 26 8.49 5.02 19.26
CA MET A 26 7.72 3.97 19.90
C MET A 26 8.60 2.78 20.25
N ARG A 27 9.56 2.45 19.39
CA ARG A 27 10.47 1.35 19.66
C ARG A 27 11.31 1.62 20.90
N ASP A 28 11.52 2.90 21.24
CA ASP A 28 12.39 3.27 22.34
C ASP A 28 11.63 3.55 23.63
N LEU A 29 10.31 3.45 23.63
CA LEU A 29 9.60 3.41 24.89
C LEU A 29 10.03 2.17 25.67
N PRO A 30 10.15 2.25 26.99
CA PRO A 30 10.66 1.11 27.75
C PRO A 30 9.70 -0.07 27.75
N ASN A 31 10.29 -1.27 27.74
CA ASN A 31 9.59 -2.55 27.83
C ASN A 31 8.75 -2.88 26.61
N THR A 32 8.95 -2.16 25.50
CA THR A 32 8.21 -2.47 24.28
C THR A 32 8.81 -3.64 23.49
N TYR A 33 9.85 -4.28 24.00
CA TYR A 33 10.55 -5.31 23.21
C TYR A 33 9.66 -6.39 22.61
N PRO A 34 8.63 -6.92 23.29
CA PRO A 34 7.80 -7.95 22.65
C PRO A 34 7.13 -7.51 21.35
N PHE A 35 7.07 -6.22 21.05
CA PHE A 35 6.38 -5.77 19.86
C PHE A 35 7.33 -5.35 18.75
N HIS A 36 8.64 -5.49 18.95
CA HIS A 36 9.59 -4.94 17.97
C HIS A 36 9.59 -5.73 16.66
N THR A 37 9.41 -7.05 16.72
CA THR A 37 9.47 -7.91 15.55
C THR A 37 8.29 -8.88 15.60
N PRO A 38 7.93 -9.50 14.47
CA PRO A 38 6.82 -10.45 14.50
C PRO A 38 7.07 -11.60 15.45
N VAL A 39 5.99 -12.13 15.99
CA VAL A 39 6.09 -13.20 16.96
C VAL A 39 6.70 -14.43 16.30
N ASN A 40 7.65 -15.05 16.97
CA ASN A 40 8.24 -16.30 16.51
C ASN A 40 7.28 -17.44 16.83
N ALA A 41 6.62 -17.97 15.78
CA ALA A 41 5.65 -19.05 15.97
C ALA A 41 6.30 -20.32 16.51
N LYS A 42 7.59 -20.53 16.22
CA LYS A 42 8.31 -21.65 16.80
C LYS A 42 8.53 -21.48 18.30
N VAL A 43 8.26 -20.28 18.85
CA VAL A 43 8.42 -20.00 20.27
C VAL A 43 7.04 -19.96 20.92
N VAL A 44 6.28 -18.91 20.60
CA VAL A 44 4.89 -18.78 21.03
C VAL A 44 4.02 -19.59 20.09
N LYS A 45 3.85 -20.89 20.39
CA LYS A 45 3.42 -21.84 19.37
C LYS A 45 1.94 -21.69 19.00
N ASP A 46 1.14 -21.02 19.83
CA ASP A 46 -0.29 -20.87 19.56
C ASP A 46 -0.66 -19.47 19.07
N TYR A 47 0.31 -18.60 18.81
CA TYR A 47 -0.01 -17.19 18.55
C TYR A 47 -0.82 -17.01 17.27
N TYR A 48 -0.36 -17.62 16.18
CA TYR A 48 -1.01 -17.45 14.88
C TYR A 48 -2.22 -18.33 14.68
N LYS A 49 -2.58 -19.16 15.65
CA LYS A 49 -3.87 -19.82 15.64
C LYS A 49 -4.94 -18.99 16.33
N ILE A 50 -4.62 -17.76 16.70
CA ILE A 50 -5.56 -16.86 17.36
C ILE A 50 -5.54 -15.52 16.62
N ILE A 51 -4.34 -15.03 16.33
CA ILE A 51 -4.15 -13.70 15.75
C ILE A 51 -4.08 -13.86 14.23
N THR A 52 -5.13 -13.40 13.54
CA THR A 52 -5.26 -13.57 12.09
C THR A 52 -4.57 -12.46 11.30
N ARG A 53 -4.42 -11.27 11.88
CA ARG A 53 -3.72 -10.15 11.24
C ARG A 53 -2.65 -9.65 12.19
N PRO A 54 -1.48 -10.27 12.23
CA PRO A 54 -0.44 -9.83 13.15
C PRO A 54 0.20 -8.54 12.68
N MET A 55 0.72 -7.77 13.63
CA MET A 55 1.41 -6.53 13.32
C MET A 55 2.52 -6.35 14.34
N ASP A 56 3.62 -5.73 13.92
CA ASP A 56 4.70 -5.39 14.82
C ASP A 56 5.40 -4.16 14.26
N LEU A 57 6.31 -3.58 15.06
CA LEU A 57 6.92 -2.32 14.65
C LEU A 57 7.81 -2.51 13.42
N GLN A 58 8.47 -3.66 13.30
CA GLN A 58 9.32 -3.90 12.12
C GLN A 58 8.48 -4.00 10.87
N THR A 59 7.35 -4.73 10.94
CA THR A 59 6.45 -4.82 9.80
C THR A 59 5.82 -3.46 9.50
N LEU A 60 5.49 -2.70 10.54
CA LEU A 60 5.01 -1.34 10.37
C LEU A 60 6.03 -0.48 9.63
N ARG A 61 7.30 -0.56 10.02
CA ARG A 61 8.35 0.20 9.34
C ARG A 61 8.46 -0.23 7.88
N GLU A 62 8.47 -1.53 7.61
CA GLU A 62 8.56 -2.00 6.23
C GLU A 62 7.41 -1.46 5.39
N ASN A 63 6.19 -1.46 5.93
CA ASN A 63 5.04 -0.98 5.17
C ASN A 63 5.16 0.51 4.87
N VAL A 64 5.72 1.29 5.81
CA VAL A 64 6.01 2.70 5.53
C VAL A 64 6.97 2.81 4.36
N ARG A 65 8.05 2.01 4.37
CA ARG A 65 9.04 2.10 3.30
C ARG A 65 8.49 1.60 1.97
N LYS A 66 7.46 0.76 1.98
CA LYS A 66 6.76 0.39 0.75
C LYS A 66 5.69 1.41 0.36
N ARG A 67 5.67 2.59 0.99
CA ARG A 67 4.76 3.69 0.62
C ARG A 67 3.30 3.26 0.77
N LEU A 68 3.02 2.46 1.80
CA LEU A 68 1.71 1.85 1.95
C LEU A 68 0.71 2.78 2.63
N TYR A 69 1.18 3.74 3.42
CA TYR A 69 0.30 4.57 4.24
C TYR A 69 0.28 5.98 3.68
N PRO A 70 -0.79 6.38 2.99
CA PRO A 70 -0.88 7.74 2.47
C PRO A 70 -1.46 8.77 3.44
N SER A 71 -1.73 8.39 4.69
CA SER A 71 -2.33 9.33 5.65
C SER A 71 -2.04 8.86 7.07
N ARG A 72 -2.34 9.74 8.03
CA ARG A 72 -2.19 9.39 9.44
C ARG A 72 -3.04 8.17 9.78
N GLU A 73 -4.28 8.11 9.27
CA GLU A 73 -5.24 7.14 9.77
C GLU A 73 -4.95 5.72 9.30
N GLU A 74 -4.44 5.54 8.09
CA GLU A 74 -4.13 4.17 7.72
C GLU A 74 -2.88 3.67 8.45
N PHE A 75 -1.90 4.54 8.69
CA PHE A 75 -0.82 4.20 9.59
C PHE A 75 -1.35 3.83 10.97
N ARG A 76 -2.16 4.71 11.58
CA ARG A 76 -2.68 4.46 12.92
C ARG A 76 -3.51 3.18 12.97
N GLU A 77 -4.18 2.83 11.86
CA GLU A 77 -4.97 1.60 11.81
C GLU A 77 -4.10 0.36 12.00
N HIS A 78 -2.94 0.31 11.34
CA HIS A 78 -2.11 -0.88 11.54
C HIS A 78 -1.46 -0.89 12.91
N LEU A 79 -1.02 0.28 13.39
CA LEU A 79 -0.46 0.39 14.72
C LEU A 79 -1.46 -0.04 15.79
N GLU A 80 -2.74 0.27 15.60
CA GLU A 80 -3.76 -0.13 16.57
C GLU A 80 -3.98 -1.64 16.57
N LEU A 81 -3.67 -2.32 15.47
CA LEU A 81 -3.66 -3.78 15.47
C LEU A 81 -2.77 -4.34 16.56
N ILE A 82 -1.62 -3.69 16.79
CA ILE A 82 -0.71 -4.19 17.82
C ILE A 82 -1.40 -4.20 19.16
N VAL A 83 -2.16 -3.14 19.46
CA VAL A 83 -2.89 -3.06 20.72
C VAL A 83 -4.02 -4.08 20.75
N LYS A 84 -4.81 -4.13 19.66
CA LYS A 84 -5.95 -5.05 19.62
C LYS A 84 -5.51 -6.51 19.68
N ASN A 85 -4.41 -6.86 19.02
CA ASN A 85 -3.93 -8.24 19.02
C ASN A 85 -3.43 -8.64 20.41
N SER A 86 -2.76 -7.72 21.10
CA SER A 86 -2.36 -8.00 22.48
C SER A 86 -3.57 -8.17 23.38
N ALA A 87 -4.57 -7.31 23.22
CA ALA A 87 -5.77 -7.44 24.06
C ALA A 87 -6.48 -8.76 23.80
N THR A 88 -6.48 -9.23 22.55
CA THR A 88 -7.06 -10.54 22.26
C THR A 88 -6.20 -11.68 22.83
N TYR A 89 -4.89 -11.65 22.55
CA TYR A 89 -4.04 -12.77 22.95
C TYR A 89 -3.71 -12.74 24.44
N ASN A 90 -3.09 -11.65 24.91
CA ASN A 90 -2.68 -11.57 26.31
C ASN A 90 -3.84 -11.23 27.24
N GLY A 91 -4.80 -10.44 26.78
CA GLY A 91 -5.89 -10.04 27.63
C GLY A 91 -6.01 -8.53 27.70
N PRO A 92 -7.24 -8.04 27.87
CA PRO A 92 -7.48 -6.58 27.75
C PRO A 92 -6.73 -5.76 28.77
N LYS A 93 -6.56 -6.27 29.99
CA LYS A 93 -5.86 -5.56 31.06
C LYS A 93 -4.50 -6.17 31.36
N HIS A 94 -4.01 -7.05 30.50
CA HIS A 94 -2.68 -7.61 30.68
C HIS A 94 -1.62 -6.52 30.59
N SER A 95 -0.50 -6.75 31.26
CA SER A 95 0.53 -5.72 31.31
C SER A 95 1.08 -5.40 29.93
N LEU A 96 1.15 -6.37 29.02
CA LEU A 96 1.68 -6.03 27.69
C LEU A 96 0.66 -5.27 26.86
N THR A 97 -0.64 -5.49 27.08
CA THR A 97 -1.64 -4.69 26.39
C THR A 97 -1.56 -3.24 26.83
N GLN A 98 -1.15 -3.00 28.07
CA GLN A 98 -0.87 -1.64 28.52
C GLN A 98 0.39 -1.08 27.87
N ILE A 99 1.43 -1.92 27.72
CA ILE A 99 2.65 -1.46 27.05
C ILE A 99 2.36 -1.11 25.59
N SER A 100 1.54 -1.92 24.92
CA SER A 100 1.19 -1.61 23.53
C SER A 100 0.32 -0.36 23.45
N GLN A 101 -0.63 -0.20 24.38
CA GLN A 101 -1.42 1.03 24.41
C GLN A 101 -0.52 2.25 24.62
N SER A 102 0.59 2.06 25.33
CA SER A 102 1.54 3.15 25.54
C SER A 102 2.16 3.62 24.23
N MET A 103 2.42 2.69 23.30
CA MET A 103 2.96 3.09 22.00
C MET A 103 1.92 3.86 21.19
N LEU A 104 0.67 3.38 21.20
CA LEU A 104 -0.39 4.07 20.47
C LEU A 104 -0.67 5.45 21.05
N ASP A 105 -0.56 5.58 22.37
CA ASP A 105 -0.75 6.88 23.00
C ASP A 105 0.36 7.85 22.62
N LEU A 106 1.60 7.35 22.51
CA LEU A 106 2.70 8.19 22.08
C LEU A 106 2.53 8.62 20.63
N CYS A 107 2.03 7.71 19.80
CA CYS A 107 1.79 8.04 18.39
C CYS A 107 0.71 9.10 18.25
N ASP A 108 -0.44 8.91 18.92
CA ASP A 108 -1.48 9.94 18.94
C ASP A 108 -0.94 11.28 19.42
N GLU A 109 0.00 11.25 20.38
CA GLU A 109 0.56 12.49 20.91
C GLU A 109 1.28 13.28 19.83
N LYS A 110 2.15 12.61 19.07
CA LYS A 110 2.98 13.29 18.09
C LYS A 110 2.26 13.51 16.76
N LEU A 111 1.25 12.68 16.45
CA LEU A 111 0.43 12.98 15.28
C LEU A 111 -0.29 14.31 15.43
N LYS A 112 -0.90 14.56 16.60
CA LYS A 112 -1.49 15.86 16.85
C LYS A 112 -0.43 16.94 17.10
N GLU A 113 0.78 16.52 17.52
CA GLU A 113 1.86 17.49 17.74
C GLU A 113 2.34 18.09 16.43
N LYS A 114 2.27 17.35 15.32
CA LYS A 114 2.67 17.84 14.01
C LYS A 114 1.46 17.88 13.07
N GLU A 115 0.30 18.21 13.62
CA GLU A 115 -0.98 17.98 12.94
C GLU A 115 -1.09 18.76 11.62
N ASP A 116 -0.66 20.02 11.60
CA ASP A 116 -0.97 20.81 10.41
C ASP A 116 -0.02 20.53 9.26
N LYS A 117 1.25 20.19 9.54
CA LYS A 117 2.11 19.70 8.47
C LYS A 117 1.56 18.41 7.88
N LEU A 118 1.12 17.49 8.73
CA LEU A 118 0.62 16.20 8.26
C LEU A 118 -0.63 16.38 7.40
N ALA A 119 -1.50 17.31 7.78
CA ALA A 119 -2.71 17.56 7.01
C ALA A 119 -2.40 18.13 5.63
N ARG A 120 -1.32 18.92 5.53
CA ARG A 120 -0.99 19.48 4.22
C ARG A 120 -0.37 18.43 3.33
N LEU A 121 0.48 17.57 3.89
CA LEU A 121 1.03 16.44 3.13
C LEU A 121 -0.08 15.51 2.65
N GLU A 122 -1.01 15.15 3.54
CA GLU A 122 -2.14 14.31 3.16
C GLU A 122 -2.94 14.96 2.02
N LYS A 123 -3.13 16.27 2.07
CA LYS A 123 -3.83 16.92 0.97
C LYS A 123 -3.09 16.73 -0.35
N ALA A 124 -1.75 16.82 -0.31
CA ALA A 124 -0.94 16.64 -1.51
C ALA A 124 -0.86 15.19 -2.01
N ILE A 125 -1.01 14.20 -1.12
CA ILE A 125 -0.85 12.80 -1.51
C ILE A 125 -2.14 12.22 -2.07
N ASN A 126 -3.25 12.43 -1.35
CA ASN A 126 -4.46 11.65 -1.55
C ASN A 126 -5.38 12.29 -2.59
N PRO A 127 -6.28 11.51 -3.19
CA PRO A 127 -7.23 12.10 -4.13
C PRO A 127 -8.10 13.14 -3.44
N LEU A 128 -8.70 14.01 -4.24
CA LEU A 128 -9.68 14.98 -3.77
C LEU A 128 -11.06 14.33 -3.71
N LEU A 129 -11.76 14.54 -2.61
CA LEU A 129 -13.08 13.95 -2.42
C LEU A 129 -14.10 14.63 -3.33
N ASP A 130 -14.95 13.80 -3.96
CA ASP A 130 -16.03 14.28 -4.84
C ASP A 130 -15.47 15.13 -5.99
N ASP A 131 -14.35 14.71 -6.56
CA ASP A 131 -13.78 15.36 -7.73
C ASP A 131 -14.31 14.67 -8.99
N ASP A 132 -14.89 15.47 -9.89
CA ASP A 132 -15.46 14.92 -11.12
C ASP A 132 -14.38 14.39 -12.04
N ASP A 133 -13.22 15.04 -12.09
CA ASP A 133 -12.14 14.59 -12.96
C ASP A 133 -11.49 13.33 -12.43
N GLN A 134 -11.31 13.24 -11.12
CA GLN A 134 -10.71 12.05 -10.52
C GLN A 134 -11.60 10.83 -10.72
N VAL A 135 -12.91 10.99 -10.53
CA VAL A 135 -13.87 9.92 -10.82
C VAL A 135 -13.67 9.43 -12.26
N ALA A 136 -13.64 10.37 -13.22
CA ALA A 136 -13.50 10.02 -14.63
C ALA A 136 -12.15 9.38 -14.93
N PHE A 137 -11.08 9.86 -14.29
CA PHE A 137 -9.76 9.30 -14.58
C PHE A 137 -9.67 7.86 -14.11
N SER A 138 -10.06 7.59 -12.84
CA SER A 138 -10.12 6.22 -12.34
C SER A 138 -11.02 5.35 -13.22
N PHE A 139 -12.14 5.90 -13.68
CA PHE A 139 -13.06 5.12 -14.51
C PHE A 139 -12.39 4.67 -15.80
N ILE A 140 -11.60 5.55 -16.43
CA ILE A 140 -10.89 5.16 -17.65
C ILE A 140 -9.92 4.01 -17.36
N LEU A 141 -9.22 4.08 -16.23
CA LEU A 141 -8.17 3.10 -15.94
C LEU A 141 -8.75 1.70 -15.75
N ASP A 142 -9.88 1.59 -15.05
CA ASP A 142 -10.52 0.30 -14.84
C ASP A 142 -11.26 -0.20 -16.07
N ASN A 143 -11.02 0.39 -17.22
CA ASN A 143 -11.42 -0.18 -18.48
C ASN A 143 -10.24 -0.47 -19.38
N ILE A 144 -9.10 0.14 -19.13
CA ILE A 144 -7.85 -0.28 -19.75
C ILE A 144 -7.40 -1.61 -19.15
N VAL A 145 -7.57 -1.78 -17.84
CA VAL A 145 -7.07 -2.99 -17.19
C VAL A 145 -7.95 -4.18 -17.54
N THR A 146 -9.27 -4.00 -17.54
CA THR A 146 -10.18 -5.12 -17.74
C THR A 146 -10.39 -5.44 -19.22
N GLN A 147 -10.87 -4.45 -19.99
CA GLN A 147 -11.26 -4.75 -21.36
C GLN A 147 -10.07 -4.91 -22.29
N LYS A 148 -8.84 -4.63 -21.81
CA LYS A 148 -7.67 -4.76 -22.65
C LYS A 148 -6.57 -5.57 -21.99
N MET A 149 -6.06 -5.11 -20.85
CA MET A 149 -4.94 -5.78 -20.20
C MET A 149 -5.31 -7.19 -19.75
N MET A 150 -6.53 -7.37 -19.25
CA MET A 150 -7.02 -8.69 -18.87
C MET A 150 -7.48 -9.51 -20.07
N ALA A 151 -7.47 -8.93 -21.27
CA ALA A 151 -7.85 -9.62 -22.50
C ALA A 151 -6.65 -10.20 -23.24
N VAL A 152 -5.44 -10.01 -22.74
CA VAL A 152 -4.27 -10.68 -23.32
C VAL A 152 -4.47 -12.19 -23.24
N PRO A 153 -4.12 -12.95 -24.28
CA PRO A 153 -4.25 -14.41 -24.20
C PRO A 153 -3.40 -15.01 -23.09
N ASP A 154 -4.03 -15.89 -22.30
CA ASP A 154 -3.36 -16.60 -21.20
C ASP A 154 -2.84 -15.61 -20.16
N SER A 155 -3.58 -14.53 -19.95
CA SER A 155 -3.22 -13.55 -18.94
C SER A 155 -3.64 -13.97 -17.54
N TRP A 156 -4.43 -15.04 -17.41
CA TRP A 156 -5.07 -15.35 -16.13
C TRP A 156 -4.14 -15.43 -14.92
N PRO A 157 -2.87 -15.88 -15.01
CA PRO A 157 -2.07 -15.96 -13.77
C PRO A 157 -1.85 -14.61 -13.10
N PHE A 158 -2.05 -13.50 -13.80
CA PHE A 158 -1.84 -12.18 -13.24
C PHE A 158 -3.14 -11.43 -12.95
N HIS A 159 -4.29 -12.07 -13.14
CA HIS A 159 -5.56 -11.43 -12.82
C HIS A 159 -5.78 -11.26 -11.32
N HIS A 160 -5.15 -12.10 -10.50
CA HIS A 160 -5.42 -12.14 -9.08
C HIS A 160 -4.10 -12.32 -8.31
N PRO A 161 -4.12 -12.03 -7.01
CA PRO A 161 -2.96 -12.41 -6.18
C PRO A 161 -2.76 -13.92 -6.18
N VAL A 162 -1.50 -14.35 -6.10
CA VAL A 162 -1.20 -15.77 -6.15
C VAL A 162 -1.71 -16.44 -4.87
N ASN A 163 -2.35 -17.59 -5.05
CA ASN A 163 -2.77 -18.39 -3.92
C ASN A 163 -1.56 -19.20 -3.44
N LYS A 164 -1.23 -19.07 -2.15
CA LYS A 164 -0.03 -19.71 -1.61
C LYS A 164 -0.12 -21.24 -1.65
N LYS A 165 -1.32 -21.81 -1.76
CA LYS A 165 -1.44 -23.26 -1.85
C LYS A 165 -1.00 -23.78 -3.23
N PHE A 166 -0.94 -22.92 -4.24
CA PHE A 166 -0.50 -23.35 -5.57
C PHE A 166 0.93 -22.93 -5.89
N VAL A 167 1.43 -21.87 -5.28
CA VAL A 167 2.82 -21.45 -5.45
C VAL A 167 3.38 -21.19 -4.06
N PRO A 168 3.71 -22.24 -3.28
CA PRO A 168 4.10 -22.03 -1.88
C PRO A 168 5.32 -21.15 -1.70
N ASP A 169 6.23 -21.13 -2.67
CA ASP A 169 7.49 -20.39 -2.56
C ASP A 169 7.44 -19.03 -3.26
N TYR A 170 6.29 -18.35 -3.27
CA TYR A 170 6.17 -17.10 -4.00
C TYR A 170 6.45 -15.88 -3.11
N TYR A 171 5.71 -15.76 -1.99
CA TYR A 171 5.87 -14.66 -1.06
C TYR A 171 7.15 -14.73 -0.25
N LYS A 172 7.91 -15.82 -0.37
CA LYS A 172 9.26 -15.88 0.18
C LYS A 172 10.31 -15.40 -0.81
N VAL A 173 9.91 -14.91 -1.98
CA VAL A 173 10.83 -14.44 -3.00
C VAL A 173 10.45 -13.05 -3.49
N ILE A 174 9.16 -12.73 -3.49
CA ILE A 174 8.67 -11.48 -4.04
C ILE A 174 8.35 -10.52 -2.90
N VAL A 175 9.19 -9.49 -2.75
CA VAL A 175 9.06 -8.49 -1.70
C VAL A 175 7.77 -7.69 -1.85
N ASN A 176 7.27 -7.57 -3.08
CA ASN A 176 6.17 -6.67 -3.37
C ASN A 176 5.25 -7.32 -4.39
N PRO A 177 4.34 -8.18 -3.95
CA PRO A 177 3.39 -8.79 -4.89
C PRO A 177 2.54 -7.72 -5.55
N MET A 178 2.15 -7.98 -6.79
CA MET A 178 1.25 -7.08 -7.50
C MET A 178 0.54 -7.88 -8.58
N ASP A 179 -0.75 -7.62 -8.71
CA ASP A 179 -1.59 -8.30 -9.69
C ASP A 179 -2.61 -7.30 -10.20
N LEU A 180 -3.31 -7.68 -11.26
CA LEU A 180 -4.26 -6.76 -11.87
C LEU A 180 -5.48 -6.51 -11.00
N GLU A 181 -5.78 -7.39 -10.04
CA GLU A 181 -6.96 -7.17 -9.21
C GLU A 181 -6.68 -6.13 -8.12
N THR A 182 -5.48 -6.15 -7.53
CA THR A 182 -5.13 -5.11 -6.57
C THR A 182 -5.01 -3.75 -7.25
N ILE A 183 -4.56 -3.70 -8.52
CA ILE A 183 -4.61 -2.44 -9.25
C ILE A 183 -6.03 -1.90 -9.24
N ARG A 184 -7.00 -2.77 -9.57
CA ARG A 184 -8.40 -2.39 -9.56
C ARG A 184 -8.83 -1.93 -8.18
N LYS A 185 -8.32 -2.57 -7.14
CA LYS A 185 -8.62 -2.13 -5.78
C LYS A 185 -8.09 -0.73 -5.56
N ASN A 186 -6.88 -0.46 -6.07
CA ASN A 186 -6.30 0.87 -5.98
C ASN A 186 -7.07 1.88 -6.83
N ILE A 187 -7.52 1.46 -8.00
CA ILE A 187 -8.29 2.35 -8.86
C ILE A 187 -9.56 2.81 -8.16
N SER A 188 -10.27 1.86 -7.51
CA SER A 188 -11.54 2.22 -6.87
C SER A 188 -11.34 3.12 -5.64
N LYS A 189 -10.14 3.16 -5.05
CA LYS A 189 -9.83 4.12 -4.01
C LYS A 189 -9.20 5.40 -4.56
N HIS A 190 -9.16 5.56 -5.88
CA HIS A 190 -8.63 6.76 -6.55
C HIS A 190 -7.20 7.04 -6.14
N LYS A 191 -6.42 5.96 -5.96
CA LYS A 191 -5.02 6.13 -5.59
C LYS A 191 -4.25 6.91 -6.66
N TYR A 192 -4.51 6.64 -7.93
CA TYR A 192 -3.66 7.12 -9.01
C TYR A 192 -4.17 8.49 -9.49
N GLN A 193 -3.43 9.55 -9.16
CA GLN A 193 -3.75 10.88 -9.66
C GLN A 193 -3.22 11.09 -11.06
N SER A 194 -2.15 10.39 -11.42
CA SER A 194 -1.48 10.52 -12.71
C SER A 194 -1.34 9.15 -13.35
N ARG A 195 -0.82 9.14 -14.58
CA ARG A 195 -0.38 7.91 -15.23
C ARG A 195 0.92 7.39 -14.64
N GLU A 196 1.74 8.29 -14.05
CA GLU A 196 2.96 7.85 -13.38
C GLU A 196 2.66 6.82 -12.31
N SER A 197 1.75 7.14 -11.38
CA SER A 197 1.48 6.25 -10.27
C SER A 197 0.94 4.90 -10.76
N PHE A 198 0.07 4.95 -11.77
CA PHE A 198 -0.59 3.75 -12.26
C PHE A 198 0.39 2.79 -12.93
N LEU A 199 1.26 3.31 -13.79
CA LEU A 199 2.15 2.45 -14.56
C LEU A 199 3.28 1.85 -13.72
N ASP A 200 3.64 2.47 -12.60
CA ASP A 200 4.61 1.87 -11.68
C ASP A 200 4.14 0.49 -11.22
N ASP A 201 2.91 0.41 -10.70
CA ASP A 201 2.37 -0.85 -10.23
C ASP A 201 2.21 -1.86 -11.36
N VAL A 202 1.91 -1.40 -12.58
CA VAL A 202 1.73 -2.30 -13.70
C VAL A 202 3.06 -2.97 -14.05
N ASN A 203 4.10 -2.18 -14.24
CA ASN A 203 5.42 -2.71 -14.55
C ASN A 203 5.96 -3.60 -13.45
N LEU A 204 5.48 -3.44 -12.21
CA LEU A 204 5.90 -4.32 -11.13
C LEU A 204 5.43 -5.75 -11.35
N ILE A 205 4.22 -5.94 -11.91
CA ILE A 205 3.76 -7.29 -12.22
C ILE A 205 4.72 -7.97 -13.18
N LEU A 206 5.29 -7.21 -14.13
CA LEU A 206 6.28 -7.77 -15.04
C LEU A 206 7.59 -8.04 -14.31
N ALA A 207 8.06 -7.07 -13.52
CA ALA A 207 9.28 -7.25 -12.75
C ALA A 207 9.18 -8.42 -11.78
N ASN A 208 7.99 -8.63 -11.19
CA ASN A 208 7.79 -9.77 -10.32
C ASN A 208 7.93 -11.09 -11.07
N SER A 209 7.35 -11.15 -12.28
CA SER A 209 7.35 -12.39 -13.04
C SER A 209 8.76 -12.77 -13.49
N VAL A 210 9.55 -11.78 -13.90
CA VAL A 210 10.94 -12.06 -14.28
C VAL A 210 11.75 -12.47 -13.05
N LYS A 211 11.42 -11.90 -11.88
CA LYS A 211 12.12 -12.29 -10.65
C LYS A 211 11.76 -13.70 -10.24
N TYR A 212 10.52 -14.14 -10.50
CA TYR A 212 10.09 -15.48 -10.13
C TYR A 212 10.13 -16.46 -11.31
N ASN A 213 9.47 -16.11 -12.42
CA ASN A 213 9.45 -17.02 -13.58
C ASN A 213 10.71 -16.88 -14.42
N GLY A 214 11.23 -15.66 -14.56
CA GLY A 214 12.37 -15.41 -15.39
C GLY A 214 12.02 -15.35 -16.86
N PRO A 215 12.91 -14.79 -17.67
CA PRO A 215 12.65 -14.73 -19.12
C PRO A 215 12.85 -16.06 -19.83
N GLU A 216 12.84 -17.15 -19.06
CA GLU A 216 12.81 -18.50 -19.61
C GLU A 216 11.40 -19.09 -19.59
N SER A 217 10.38 -18.26 -19.35
CA SER A 217 9.02 -18.70 -19.20
C SER A 217 8.10 -17.97 -20.17
N GLN A 218 7.02 -18.65 -20.58
CA GLN A 218 5.97 -18.01 -21.36
C GLN A 218 5.14 -17.05 -20.52
N TYR A 219 5.00 -17.32 -19.22
CA TYR A 219 4.25 -16.42 -18.35
C TYR A 219 4.90 -15.05 -18.30
N THR A 220 6.23 -15.00 -18.32
CA THR A 220 6.92 -13.72 -18.42
C THR A 220 6.69 -13.07 -19.78
N LYS A 221 6.62 -13.88 -20.85
CA LYS A 221 6.33 -13.33 -22.16
C LYS A 221 4.94 -12.69 -22.20
N THR A 222 3.95 -13.33 -21.59
CA THR A 222 2.62 -12.73 -21.51
C THR A 222 2.60 -11.55 -20.55
N ALA A 223 3.49 -11.53 -19.57
CA ALA A 223 3.52 -10.45 -18.59
C ALA A 223 3.88 -9.11 -19.24
N GLN A 224 4.73 -9.12 -20.26
CA GLN A 224 5.06 -7.87 -20.94
C GLN A 224 4.01 -7.48 -21.97
N GLU A 225 3.37 -8.46 -22.61
CA GLU A 225 2.25 -8.14 -23.48
C GLU A 225 1.15 -7.40 -22.71
N ILE A 226 0.96 -7.75 -21.44
CA ILE A 226 0.08 -6.96 -20.58
C ILE A 226 0.60 -5.54 -20.44
N VAL A 227 1.91 -5.38 -20.24
CA VAL A 227 2.53 -4.06 -20.15
C VAL A 227 2.38 -3.30 -21.46
N ASN A 228 2.59 -3.99 -22.59
CA ASN A 228 2.55 -3.32 -23.89
C ASN A 228 1.13 -2.89 -24.24
N VAL A 229 0.14 -3.77 -24.01
CA VAL A 229 -1.25 -3.41 -24.26
C VAL A 229 -1.68 -2.23 -23.38
N CYS A 230 -1.01 -2.04 -22.24
CA CYS A 230 -1.31 -0.92 -21.35
C CYS A 230 -0.80 0.40 -21.93
N TYR A 231 0.47 0.44 -22.38
CA TYR A 231 1.03 1.66 -22.95
C TYR A 231 0.30 2.08 -24.22
N GLN A 232 -0.10 1.11 -25.05
CA GLN A 232 -0.83 1.43 -26.26
C GLN A 232 -2.15 2.11 -25.94
N THR A 233 -2.93 1.53 -25.03
CA THR A 233 -4.22 2.11 -24.67
C THR A 233 -4.07 3.46 -23.99
N LEU A 234 -2.98 3.66 -23.24
CA LEU A 234 -2.76 4.95 -22.58
C LEU A 234 -2.45 6.04 -23.61
N THR A 235 -1.57 5.77 -24.57
CA THR A 235 -1.37 6.73 -25.66
C THR A 235 -2.64 6.91 -26.46
N GLU A 236 -3.47 5.86 -26.54
CA GLU A 236 -4.71 5.95 -27.30
C GLU A 236 -5.67 6.96 -26.67
N TYR A 237 -5.63 7.11 -25.35
CA TYR A 237 -6.43 8.11 -24.65
C TYR A 237 -5.57 9.29 -24.16
N ASP A 238 -4.38 9.48 -24.73
CA ASP A 238 -3.42 10.42 -24.15
C ASP A 238 -3.94 11.84 -24.12
N GLU A 239 -4.60 12.28 -25.20
CA GLU A 239 -5.13 13.64 -25.23
C GLU A 239 -6.19 13.84 -24.14
N HIS A 240 -7.01 12.82 -23.90
CA HIS A 240 -8.02 12.93 -22.85
C HIS A 240 -7.45 12.75 -21.46
N LEU A 241 -6.43 11.90 -21.31
CA LEU A 241 -5.83 11.68 -20.00
C LEU A 241 -5.01 12.91 -19.57
N THR A 242 -4.29 13.52 -20.51
CA THR A 242 -3.51 14.71 -20.19
C THR A 242 -4.41 15.82 -19.63
N GLN A 243 -5.53 16.09 -20.30
CA GLN A 243 -6.48 17.07 -19.79
C GLN A 243 -7.04 16.64 -18.43
N LEU A 244 -7.33 15.35 -18.27
CA LEU A 244 -7.79 14.87 -16.97
C LEU A 244 -6.71 15.04 -15.92
N GLU A 245 -5.45 14.77 -16.27
CA GLU A 245 -4.36 14.95 -15.32
C GLU A 245 -4.14 16.42 -15.00
N LYS A 246 -4.24 17.29 -16.00
CA LYS A 246 -4.11 18.72 -15.73
C LYS A 246 -5.23 19.20 -14.80
N ASP A 247 -6.47 18.80 -15.08
CA ASP A 247 -7.61 19.24 -14.28
C ASP A 247 -7.51 18.76 -12.84
N ILE A 248 -7.19 17.48 -12.66
CA ILE A 248 -6.92 16.98 -11.31
C ILE A 248 -5.77 17.75 -10.69
N CYS A 249 -4.67 17.90 -11.43
CA CYS A 249 -3.48 18.53 -10.86
C CYS A 249 -3.75 19.98 -10.46
N THR A 250 -4.44 20.73 -11.32
CA THR A 250 -4.70 22.12 -10.96
C THR A 250 -5.74 22.23 -9.83
N ALA A 251 -6.75 21.35 -9.80
CA ALA A 251 -7.69 21.36 -8.69
C ALA A 251 -7.01 21.01 -7.38
N LYS A 252 -5.94 20.21 -7.44
CA LYS A 252 -5.16 19.83 -6.25
C LYS A 252 -4.33 21.00 -5.73
N GLU A 253 -3.47 21.58 -6.57
CA GLU A 253 -2.62 22.67 -6.11
C GLU A 253 -3.43 23.86 -5.60
N ALA A 254 -4.71 23.98 -6.00
CA ALA A 254 -5.55 25.02 -5.43
C ALA A 254 -5.95 24.69 -3.99
N ALA A 255 -6.13 23.41 -3.68
CA ALA A 255 -6.44 22.99 -2.33
C ALA A 255 -5.24 23.11 -1.40
N LEU A 256 -4.02 23.19 -1.95
CA LEU A 256 -2.82 23.29 -1.13
C LEU A 256 -2.49 24.73 -0.78
N GLU A 257 -2.60 25.66 -1.75
CA GLU A 257 -2.48 27.07 -1.42
C GLU A 257 -3.57 27.49 -0.45
N GLU A 258 -4.79 27.01 -0.67
CA GLU A 258 -5.91 27.30 0.22
C GLU A 258 -5.94 26.29 1.38
#